data_8PPB
#
_entry.id   8PPB
#
_cell.length_a   71.771
_cell.length_b   97.687
_cell.length_c   191.938
_cell.angle_alpha   90.00
_cell.angle_beta   90.00
_cell.angle_gamma   90.00
#
_symmetry.space_group_name_H-M   'C 2 2 21'
#
loop_
_entity.id
_entity.type
_entity.pdbx_description
1 polymer 'Inositol-trisphosphate 3-kinase A'
2 non-polymer 'D-3-deoxy-myo-inositol 1,4,6-trisphosphate'
3 non-polymer "ADENOSINE-5'-TRIPHOSPHATE"
4 non-polymer 'MANGANESE (II) ION'
5 non-polymer 'SULFATE ION'
6 water water
#
_entity_poly.entity_id   1
_entity_poly.type   'polypeptide(L)'
_entity_poly.pdbx_seq_one_letter_code
;GSHMSWVQLAGHTGSFKAAGTSGLILKRCSEPERYCLARLMADALRGCVPAFHGVVERDGESYLQLQDLLDGFDGPCVLD
CKMGVRTYLEEELTKARERPKLRKDMYKKMLAVDPEAPTEEEHAQRAVTKPRYMQWREGISSSTTLGFRIEGIKKADGSC
STDFKTTRSREQVLRVFEEFVQGDEEVLRRYLNRLQQIRDTLEVSEFFRRHEVIGSSLLFVHDHCHRAGVWLIDFGKTTP
LPDGQILDHRRPWEEGNREDGYLLGLDNLIGILASLAER
;
_entity_poly.pdbx_strand_id   A,B
#
# COMPACT_ATOMS: atom_id res chain seq x y z
N GLY A 1 7.40 -4.88 15.99
CA GLY A 1 8.64 -4.17 16.33
C GLY A 1 8.42 -2.66 16.39
N SER A 2 8.42 -1.99 15.24
CA SER A 2 8.35 -0.51 15.17
C SER A 2 7.64 -0.07 13.88
N HIS A 3 6.95 1.07 13.91
CA HIS A 3 6.19 1.60 12.76
C HIS A 3 7.16 2.18 11.71
N MET A 4 8.23 2.84 12.14
CA MET A 4 9.26 3.45 11.23
C MET A 4 10.06 2.35 10.50
N SER A 5 10.22 1.16 11.10
CA SER A 5 10.69 -0.07 10.40
C SER A 5 9.77 -0.37 9.21
N TRP A 6 8.44 -0.34 9.44
CA TRP A 6 7.41 -0.57 8.39
C TRP A 6 7.48 0.56 7.34
N VAL A 7 7.59 1.81 7.77
CA VAL A 7 7.68 3.00 6.85
C VAL A 7 8.84 2.78 5.88
N GLN A 8 10.00 2.36 6.39
CA GLN A 8 11.26 2.14 5.63
C GLN A 8 11.10 0.99 4.63
N LEU A 9 10.43 -0.10 5.03
CA LEU A 9 10.19 -1.27 4.14
C LEU A 9 9.11 -0.93 3.11
N ALA A 10 8.17 -0.04 3.45
CA ALA A 10 7.12 0.51 2.54
C ALA A 10 7.67 1.74 1.82
N GLY A 14 5.91 11.11 5.82
CA GLY A 14 4.56 11.41 6.32
C GLY A 14 4.61 12.29 7.55
N SER A 15 3.64 12.15 8.46
CA SER A 15 3.58 12.92 9.73
C SER A 15 4.45 12.24 10.80
N PHE A 16 5.11 11.12 10.50
CA PHE A 16 5.86 10.29 11.49
C PHE A 16 7.37 10.30 11.20
N LYS A 17 8.15 10.18 12.27
CA LYS A 17 9.62 10.28 12.32
C LYS A 17 10.14 9.35 13.42
N ALA A 18 11.27 8.70 13.20
CA ALA A 18 11.98 7.84 14.17
C ALA A 18 12.34 8.65 15.41
N ALA A 19 12.11 8.09 16.61
CA ALA A 19 12.47 8.71 17.90
C ALA A 19 13.85 8.20 18.34
N GLY A 20 14.56 8.98 19.17
CA GLY A 20 15.88 8.60 19.69
C GLY A 20 15.80 7.44 20.66
N THR A 21 14.73 7.40 21.47
CA THR A 21 14.50 6.40 22.53
C THR A 21 13.83 5.15 21.94
N SER A 22 14.23 3.97 22.42
CA SER A 22 13.63 2.67 22.09
C SER A 22 12.13 2.68 22.44
N GLY A 23 11.28 2.12 21.59
CA GLY A 23 9.85 1.92 21.88
C GLY A 23 9.02 3.18 21.71
N LEU A 24 9.61 4.26 21.16
CA LEU A 24 8.89 5.55 20.95
C LEU A 24 8.83 5.87 19.46
N ILE A 25 7.91 6.75 19.08
CA ILE A 25 7.75 7.25 17.70
C ILE A 25 7.39 8.72 17.80
N LEU A 26 7.79 9.53 16.81
CA LEU A 26 7.43 10.96 16.75
C LEU A 26 6.31 11.19 15.75
N LYS A 27 5.31 11.99 16.11
CA LYS A 27 4.25 12.43 15.18
C LYS A 27 4.26 13.96 15.14
N ARG A 28 4.21 14.56 13.94
CA ARG A 28 4.11 16.03 13.78
C ARG A 28 3.05 16.57 14.76
N CYS A 29 3.44 17.49 15.65
CA CYS A 29 2.56 18.13 16.66
C CYS A 29 1.53 19.06 15.96
N SER A 30 0.26 18.92 16.35
CA SER A 30 -0.90 19.78 16.00
C SER A 30 -1.56 20.15 17.33
N GLU A 31 -2.12 21.36 17.43
CA GLU A 31 -2.57 21.90 18.75
C GLU A 31 -3.74 21.07 19.26
N PRO A 32 -4.75 20.71 18.41
CA PRO A 32 -5.87 19.91 18.87
C PRO A 32 -5.38 18.58 19.46
N GLU A 33 -4.44 17.91 18.78
CA GLU A 33 -4.01 16.55 19.18
C GLU A 33 -3.16 16.61 20.45
N ARG A 34 -2.25 17.58 20.57
CA ARG A 34 -1.44 17.77 21.78
C ARG A 34 -2.36 17.99 22.98
N TYR A 35 -3.35 18.86 22.81
CA TYR A 35 -4.34 19.17 23.87
C TYR A 35 -5.03 17.86 24.31
N CYS A 36 -5.49 17.08 23.34
CA CYS A 36 -6.24 15.81 23.60
C CYS A 36 -5.36 14.81 24.33
N LEU A 37 -4.17 14.51 23.83
CA LEU A 37 -3.27 13.51 24.44
C LEU A 37 -2.94 13.89 25.88
N ALA A 38 -2.70 15.17 26.17
CA ALA A 38 -2.43 15.63 27.54
C ALA A 38 -3.63 15.30 28.45
N ARG A 39 -4.86 15.61 28.03
CA ARG A 39 -6.10 15.30 28.81
C ARG A 39 -6.23 13.78 28.99
N LEU A 40 -5.96 13.02 27.92
CA LEU A 40 -6.19 11.55 27.91
C LEU A 40 -5.26 10.84 28.90
N MET A 41 -4.04 11.36 29.14
CA MET A 41 -3.10 10.72 30.08
C MET A 41 -3.65 10.76 31.50
N ALA A 42 -4.60 11.67 31.77
CA ALA A 42 -5.24 11.88 33.10
C ALA A 42 -6.66 11.29 33.13
N ASP A 43 -7.10 10.64 32.05
CA ASP A 43 -8.52 10.26 31.85
C ASP A 43 -8.64 8.77 32.08
N ALA A 44 -9.86 8.26 32.27
CA ALA A 44 -10.20 6.82 32.20
C ALA A 44 -9.56 6.19 30.97
N LEU A 45 -9.45 6.91 29.85
CA LEU A 45 -9.00 6.32 28.56
C LEU A 45 -7.49 6.21 28.46
N ARG A 46 -6.76 6.59 29.51
CA ARG A 46 -5.27 6.57 29.58
C ARG A 46 -4.71 5.30 28.92
N GLY A 47 -5.20 4.12 29.31
CA GLY A 47 -4.62 2.85 28.83
C GLY A 47 -5.09 2.44 27.43
N CYS A 48 -6.04 3.17 26.85
CA CYS A 48 -6.68 2.83 25.56
C CYS A 48 -6.06 3.64 24.42
N VAL A 49 -5.10 4.49 24.75
CA VAL A 49 -4.41 5.38 23.78
C VAL A 49 -2.90 5.20 23.97
N PRO A 50 -2.09 5.54 22.95
CA PRO A 50 -0.65 5.50 23.10
C PRO A 50 -0.22 6.48 24.20
N ALA A 51 0.76 6.05 25.00
CA ALA A 51 1.41 6.92 25.99
C ALA A 51 1.91 8.16 25.25
N PHE A 52 1.65 9.33 25.82
CA PHE A 52 2.12 10.63 25.33
C PHE A 52 3.16 11.16 26.34
N HIS A 53 4.40 11.38 25.88
CA HIS A 53 5.54 11.73 26.76
C HIS A 53 5.91 13.22 26.67
N GLY A 54 5.18 14.00 25.89
CA GLY A 54 5.44 15.44 25.68
C GLY A 54 5.88 15.74 24.26
N VAL A 55 6.38 16.95 24.03
CA VAL A 55 6.78 17.47 22.70
C VAL A 55 8.30 17.59 22.66
N VAL A 56 8.90 17.24 21.51
CA VAL A 56 10.35 17.40 21.26
C VAL A 56 10.52 18.18 19.96
N GLU A 57 11.63 18.93 19.84
CA GLU A 57 12.03 19.67 18.63
C GLU A 57 13.00 18.79 17.85
N ARG A 58 12.76 18.60 16.55
CA ARG A 58 13.67 17.84 15.66
C ARG A 58 13.75 18.59 14.32
N ASP A 59 14.87 19.29 14.09
CA ASP A 59 15.14 20.07 12.86
C ASP A 59 14.11 21.21 12.77
N GLY A 60 14.02 22.01 13.83
CA GLY A 60 13.19 23.22 13.93
C GLY A 60 11.71 22.94 13.73
N GLU A 61 11.20 21.84 14.28
CA GLU A 61 9.80 21.39 14.10
C GLU A 61 9.34 20.61 15.34
N SER A 62 8.08 20.79 15.74
CA SER A 62 7.47 20.22 16.97
C SER A 62 6.91 18.82 16.69
N TYR A 63 7.28 17.83 17.51
CA TYR A 63 6.77 16.44 17.42
C TYR A 63 6.26 15.94 18.77
N LEU A 64 5.10 15.27 18.73
CA LEU A 64 4.59 14.45 19.85
C LEU A 64 5.50 13.24 20.02
N GLN A 65 5.98 12.99 21.24
CA GLN A 65 6.74 11.79 21.63
C GLN A 65 5.69 10.75 22.06
N LEU A 66 5.45 9.74 21.22
CA LEU A 66 4.40 8.72 21.49
C LEU A 66 5.04 7.36 21.69
N GLN A 67 4.38 6.56 22.50
CA GLN A 67 4.53 5.09 22.48
C GLN A 67 4.37 4.58 21.04
N ASP A 68 5.32 3.77 20.61
CA ASP A 68 5.22 2.99 19.36
C ASP A 68 4.43 1.73 19.73
N LEU A 69 3.21 1.65 19.26
CA LEU A 69 2.24 0.59 19.62
C LEU A 69 2.71 -0.77 19.08
N LEU A 70 3.61 -0.78 18.09
CA LEU A 70 4.10 -2.05 17.48
C LEU A 70 5.24 -2.66 18.29
N ASP A 71 5.81 -1.93 19.26
CA ASP A 71 7.06 -2.30 19.98
C ASP A 71 6.97 -3.68 20.65
N GLY A 72 5.82 -4.05 21.22
CA GLY A 72 5.66 -5.33 21.96
C GLY A 72 5.55 -6.55 21.06
N PHE A 73 5.43 -6.39 19.74
CA PHE A 73 4.95 -7.43 18.81
C PHE A 73 6.09 -7.95 17.95
N ASP A 74 6.01 -9.21 17.54
CA ASP A 74 6.99 -9.84 16.64
C ASP A 74 6.41 -9.91 15.21
N GLY A 75 6.78 -8.96 14.36
CA GLY A 75 6.29 -8.87 12.98
C GLY A 75 4.79 -8.58 12.93
N PRO A 76 4.34 -7.45 13.51
CA PRO A 76 2.91 -7.17 13.61
C PRO A 76 2.15 -6.96 12.28
N CYS A 77 0.91 -7.44 12.29
CA CYS A 77 -0.23 -7.20 11.37
C CYS A 77 -1.02 -6.04 11.99
N VAL A 78 -1.38 -5.03 11.20
CA VAL A 78 -2.04 -3.79 11.68
C VAL A 78 -3.27 -3.54 10.81
N LEU A 79 -4.42 -3.26 11.41
CA LEU A 79 -5.62 -2.80 10.69
C LEU A 79 -6.05 -1.47 11.32
N ASP A 80 -6.29 -0.46 10.48
CA ASP A 80 -6.74 0.88 10.91
C ASP A 80 -8.21 1.00 10.57
N CYS A 81 -9.05 1.27 11.58
CA CYS A 81 -10.52 1.37 11.48
C CYS A 81 -10.91 2.81 11.79
N LYS A 82 -11.36 3.62 10.82
CA LYS A 82 -11.80 5.01 11.07
C LYS A 82 -13.17 5.01 11.72
N MET A 83 -13.31 5.64 12.90
CA MET A 83 -14.53 5.53 13.73
C MET A 83 -15.42 6.76 13.51
N GLY A 84 -16.73 6.53 13.38
CA GLY A 84 -17.75 7.58 13.41
C GLY A 84 -18.61 7.52 12.16
N VAL A 85 -19.85 7.99 12.28
CA VAL A 85 -20.79 8.09 11.13
C VAL A 85 -20.41 9.32 10.32
N ARG A 86 -19.83 10.32 10.98
CA ARG A 86 -19.38 11.59 10.36
C ARG A 86 -17.87 11.67 10.53
N THR A 87 -17.16 12.17 9.51
CA THR A 87 -15.68 12.10 9.38
C THR A 87 -15.09 13.49 9.11
N TYR A 88 -15.88 14.55 9.25
CA TYR A 88 -15.43 15.97 9.09
C TYR A 88 -16.10 16.79 10.20
N LEU A 89 -15.47 17.90 10.57
CA LEU A 89 -16.03 18.84 11.59
C LEU A 89 -17.19 19.64 10.96
N GLU A 90 -18.14 20.06 11.78
CA GLU A 90 -19.30 20.89 11.35
C GLU A 90 -18.83 22.23 10.78
N GLU A 91 -17.69 22.74 11.26
CA GLU A 91 -17.14 24.06 10.84
C GLU A 91 -16.74 23.96 9.36
N GLU A 92 -16.46 22.76 8.86
CA GLU A 92 -16.14 22.55 7.42
C GLU A 92 -17.40 22.87 6.60
N LEU A 93 -18.59 22.57 7.12
CA LEU A 93 -19.87 22.85 6.40
C LEU A 93 -20.07 24.36 6.25
N THR A 94 -19.84 25.11 7.34
CA THR A 94 -19.90 26.59 7.38
C THR A 94 -18.92 27.15 6.36
N LYS A 95 -17.66 26.70 6.38
CA LYS A 95 -16.60 27.27 5.50
C LYS A 95 -16.93 26.99 4.03
N ALA A 96 -17.51 25.82 3.72
CA ALA A 96 -17.85 25.41 2.34
C ALA A 96 -19.00 26.27 1.80
N ARG A 97 -19.84 26.81 2.68
CA ARG A 97 -21.00 27.65 2.30
C ARG A 97 -20.58 29.11 2.05
N GLU A 98 -19.74 29.64 2.93
CA GLU A 98 -19.37 31.08 2.96
C GLU A 98 -18.15 31.34 2.08
N ARG A 99 -17.33 30.33 1.84
CA ARG A 99 -15.95 30.50 1.33
C ARG A 99 -15.44 29.16 0.79
N PRO A 100 -16.15 28.55 -0.18
CA PRO A 100 -15.83 27.19 -0.61
C PRO A 100 -14.39 27.08 -1.15
N LYS A 101 -13.59 26.20 -0.55
CA LYS A 101 -12.29 25.75 -1.12
C LYS A 101 -12.58 24.57 -2.05
N LEU A 102 -12.62 24.82 -3.35
CA LEU A 102 -12.80 23.77 -4.38
C LEU A 102 -11.54 22.90 -4.38
N ARG A 103 -11.71 21.59 -4.20
CA ARG A 103 -10.59 20.62 -4.14
C ARG A 103 -10.60 19.80 -5.45
N LYS A 104 -9.62 20.03 -6.33
CA LYS A 104 -9.56 19.33 -7.64
C LYS A 104 -9.17 17.87 -7.40
N ASP A 105 -8.33 17.60 -6.39
CA ASP A 105 -7.86 16.23 -6.06
C ASP A 105 -9.08 15.37 -5.69
N MET A 106 -9.94 15.91 -4.83
CA MET A 106 -11.09 15.14 -4.31
C MET A 106 -12.06 14.82 -5.44
N TYR A 107 -12.26 15.72 -6.42
CA TYR A 107 -13.03 15.40 -7.66
C TYR A 107 -12.47 14.13 -8.33
N LYS A 108 -11.16 14.06 -8.51
CA LYS A 108 -10.50 12.94 -9.23
C LYS A 108 -10.81 11.62 -8.52
N LYS A 109 -10.51 11.56 -7.22
CA LYS A 109 -10.73 10.35 -6.39
C LYS A 109 -12.20 9.92 -6.53
N MET A 110 -13.12 10.87 -6.57
CA MET A 110 -14.57 10.57 -6.67
C MET A 110 -14.91 9.95 -8.04
N LEU A 111 -14.57 10.62 -9.15
CA LEU A 111 -14.83 10.14 -10.55
C LEU A 111 -14.39 8.69 -10.71
N ALA A 112 -13.14 8.45 -10.31
CA ALA A 112 -12.46 7.12 -10.32
C ALA A 112 -13.41 6.04 -9.78
N VAL A 113 -14.03 6.27 -8.62
CA VAL A 113 -14.85 5.23 -7.94
C VAL A 113 -16.23 5.18 -8.62
N ASP A 114 -16.81 6.35 -8.95
CA ASP A 114 -18.18 6.44 -9.53
C ASP A 114 -18.23 7.63 -10.47
N PRO A 115 -18.34 7.40 -11.79
CA PRO A 115 -18.31 8.50 -12.75
C PRO A 115 -19.62 9.30 -12.71
N GLU A 116 -20.73 8.68 -12.29
CA GLU A 116 -22.06 9.35 -12.21
C GLU A 116 -22.25 10.07 -10.86
N ALA A 117 -21.28 10.01 -9.94
CA ALA A 117 -21.42 10.55 -8.57
C ALA A 117 -21.40 12.07 -8.58
N PRO A 118 -20.39 12.72 -9.21
CA PRO A 118 -20.36 14.19 -9.28
C PRO A 118 -21.59 14.77 -10.00
N THR A 119 -21.97 15.97 -9.58
CA THR A 119 -23.05 16.77 -10.20
C THR A 119 -22.55 17.36 -11.51
N GLU A 120 -23.46 17.86 -12.34
CA GLU A 120 -23.11 18.58 -13.60
C GLU A 120 -22.14 19.71 -13.25
N GLU A 121 -22.38 20.43 -12.15
CA GLU A 121 -21.57 21.61 -11.77
C GLU A 121 -20.20 21.15 -11.27
N GLU A 122 -20.15 20.07 -10.50
CA GLU A 122 -18.86 19.53 -10.02
C GLU A 122 -18.01 19.13 -11.24
N HIS A 123 -18.60 18.44 -12.20
CA HIS A 123 -17.95 18.08 -13.50
C HIS A 123 -17.39 19.34 -14.18
N ALA A 124 -18.17 20.42 -14.23
CA ALA A 124 -17.77 21.70 -14.85
C ALA A 124 -16.62 22.33 -14.06
N GLN A 125 -16.67 22.28 -12.72
CA GLN A 125 -15.61 22.81 -11.83
C GLN A 125 -14.37 21.89 -11.87
N ARG A 126 -14.54 20.63 -12.25
CA ARG A 126 -13.56 19.53 -11.99
C ARG A 126 -13.11 19.58 -10.53
N ALA A 127 -14.02 19.84 -9.58
CA ALA A 127 -13.65 20.07 -8.17
C ALA A 127 -14.88 19.98 -7.27
N VAL A 128 -14.67 19.53 -6.02
CA VAL A 128 -15.75 19.35 -5.02
C VAL A 128 -15.29 20.00 -3.71
N THR A 129 -16.21 20.28 -2.81
CA THR A 129 -15.89 20.79 -1.45
C THR A 129 -15.45 19.59 -0.60
N LYS A 130 -14.70 19.83 0.47
CA LYS A 130 -14.24 18.72 1.35
C LYS A 130 -15.46 18.00 1.92
N PRO A 131 -16.43 18.69 2.56
CA PRO A 131 -17.57 18.01 3.17
C PRO A 131 -18.33 17.11 2.19
N ARG A 132 -18.50 17.55 0.95
CA ARG A 132 -19.22 16.78 -0.08
C ARG A 132 -18.44 15.49 -0.35
N TYR A 133 -17.13 15.61 -0.54
CA TYR A 133 -16.22 14.47 -0.80
C TYR A 133 -16.30 13.47 0.37
N MET A 134 -16.22 14.00 1.59
CA MET A 134 -16.21 13.18 2.84
C MET A 134 -17.59 12.54 3.03
N GLN A 135 -18.68 13.24 2.73
CA GLN A 135 -20.04 12.65 2.80
C GLN A 135 -20.18 11.52 1.78
N TRP A 136 -19.65 11.72 0.57
CA TRP A 136 -19.69 10.66 -0.46
C TRP A 136 -18.90 9.42 0.03
N ARG A 137 -17.69 9.62 0.53
CA ARG A 137 -16.81 8.54 1.07
C ARG A 137 -17.56 7.77 2.16
N GLU A 138 -18.25 8.49 3.05
CA GLU A 138 -19.03 7.89 4.15
C GLU A 138 -20.09 6.93 3.59
N GLY A 139 -20.72 7.24 2.45
CA GLY A 139 -21.91 6.52 1.98
C GLY A 139 -21.54 5.29 1.15
N ILE A 140 -20.39 5.29 0.48
CA ILE A 140 -19.99 4.14 -0.37
C ILE A 140 -19.23 3.14 0.49
N SER A 141 -18.65 3.59 1.62
CA SER A 141 -18.07 2.72 2.67
C SER A 141 -19.13 2.40 3.71
N SER A 142 -18.72 1.78 4.84
CA SER A 142 -19.64 1.38 5.92
C SER A 142 -19.87 2.56 6.88
N SER A 143 -19.23 3.70 6.68
CA SER A 143 -19.24 4.79 7.69
C SER A 143 -20.70 5.17 8.00
N THR A 144 -21.48 5.53 6.98
CA THR A 144 -22.84 6.09 7.19
C THR A 144 -23.74 5.08 7.92
N THR A 145 -23.71 3.81 7.51
CA THR A 145 -24.66 2.78 7.98
C THR A 145 -24.16 2.09 9.26
N LEU A 146 -22.87 1.77 9.37
CA LEU A 146 -22.30 1.01 10.52
C LEU A 146 -21.53 1.92 11.49
N GLY A 147 -21.14 3.13 11.10
CA GLY A 147 -20.44 4.07 11.98
C GLY A 147 -18.97 3.78 12.13
N PHE A 148 -18.39 3.00 11.23
CA PHE A 148 -16.93 2.87 11.12
C PHE A 148 -16.62 2.41 9.70
N ARG A 149 -15.35 2.45 9.33
CA ARG A 149 -14.89 1.84 8.07
C ARG A 149 -13.45 1.39 8.23
N ILE A 150 -13.13 0.31 7.55
CA ILE A 150 -11.73 -0.16 7.40
C ILE A 150 -11.02 0.80 6.45
N GLU A 151 -9.86 1.31 6.87
CA GLU A 151 -9.02 2.23 6.05
C GLU A 151 -7.85 1.47 5.41
N GLY A 152 -7.18 0.59 6.15
CA GLY A 152 -5.95 -0.04 5.64
C GLY A 152 -5.54 -1.24 6.48
N ILE A 153 -4.80 -2.15 5.86
CA ILE A 153 -4.09 -3.25 6.58
C ILE A 153 -2.61 -3.17 6.21
N LYS A 154 -1.72 -3.36 7.18
CA LYS A 154 -0.24 -3.31 7.01
C LYS A 154 0.33 -4.60 7.61
N LYS A 155 1.43 -5.10 7.04
CA LYS A 155 2.16 -6.25 7.61
C LYS A 155 3.65 -5.88 7.67
N ALA A 156 4.39 -6.54 8.57
CA ALA A 156 5.76 -6.14 9.00
C ALA A 156 6.77 -6.33 7.85
N ASP A 157 6.39 -6.98 6.74
CA ASP A 157 7.28 -7.13 5.56
C ASP A 157 7.28 -5.82 4.73
N GLY A 158 6.31 -4.93 4.97
CA GLY A 158 6.08 -3.72 4.15
C GLY A 158 4.81 -3.83 3.32
N SER A 159 4.24 -5.05 3.21
CA SER A 159 2.98 -5.43 2.50
C SER A 159 1.79 -4.65 3.06
N CYS A 160 1.04 -3.94 2.22
CA CYS A 160 -0.09 -3.08 2.67
C CYS A 160 -1.23 -3.07 1.64
N SER A 161 -2.45 -2.80 2.11
CA SER A 161 -3.61 -2.52 1.25
C SER A 161 -4.45 -1.39 1.84
N THR A 162 -4.86 -0.45 0.99
CA THR A 162 -5.86 0.59 1.35
C THR A 162 -7.08 0.47 0.45
N ASP A 163 -7.26 -0.68 -0.20
CA ASP A 163 -8.32 -0.92 -1.22
C ASP A 163 -9.66 -1.30 -0.55
N PHE A 164 -10.25 -0.40 0.24
CA PHE A 164 -11.48 -0.68 1.04
C PHE A 164 -12.54 0.41 0.86
N LYS A 165 -12.44 1.26 -0.16
CA LYS A 165 -13.36 2.42 -0.28
C LYS A 165 -14.80 1.97 -0.54
N THR A 166 -15.06 0.78 -1.10
CA THR A 166 -16.44 0.30 -1.38
C THR A 166 -16.77 -0.89 -0.47
N THR A 167 -16.02 -1.07 0.62
CA THR A 167 -16.32 -2.10 1.65
C THR A 167 -17.39 -1.49 2.54
N ARG A 168 -18.63 -1.98 2.43
CA ARG A 168 -19.80 -1.29 3.01
C ARG A 168 -20.70 -2.23 3.82
N SER A 169 -21.06 -3.40 3.29
CA SER A 169 -22.04 -4.29 3.94
C SER A 169 -21.41 -4.91 5.20
N ARG A 170 -22.24 -5.31 6.15
CA ARG A 170 -21.81 -6.02 7.36
C ARG A 170 -20.92 -7.22 6.98
N GLU A 171 -21.36 -8.02 6.02
CA GLU A 171 -20.68 -9.27 5.61
C GLU A 171 -19.37 -8.96 4.88
N GLN A 172 -19.31 -7.91 4.04
CA GLN A 172 -18.03 -7.46 3.41
C GLN A 172 -17.00 -7.11 4.49
N VAL A 173 -17.42 -6.40 5.52
CA VAL A 173 -16.53 -5.97 6.64
C VAL A 173 -16.07 -7.22 7.38
N LEU A 174 -17.00 -8.11 7.70
CA LEU A 174 -16.65 -9.38 8.40
C LEU A 174 -15.57 -10.12 7.61
N ARG A 175 -15.68 -10.20 6.27
CA ARG A 175 -14.72 -10.95 5.45
C ARG A 175 -13.34 -10.30 5.51
N VAL A 176 -13.23 -8.97 5.60
CA VAL A 176 -11.91 -8.31 5.79
C VAL A 176 -11.29 -8.76 7.12
N PHE A 177 -12.03 -8.71 8.23
CA PHE A 177 -11.52 -9.13 9.56
C PHE A 177 -11.18 -10.62 9.57
N GLU A 178 -12.04 -11.45 8.99
CA GLU A 178 -11.78 -12.90 8.77
C GLU A 178 -10.41 -13.09 8.12
N GLU A 179 -10.11 -12.38 7.05
CA GLU A 179 -8.83 -12.53 6.33
C GLU A 179 -7.69 -11.95 7.18
N PHE A 180 -7.94 -10.88 7.92
CA PHE A 180 -6.92 -10.23 8.77
C PHE A 180 -6.47 -11.18 9.90
N VAL A 181 -7.38 -11.88 10.56
CA VAL A 181 -7.03 -12.70 11.77
C VAL A 181 -6.57 -14.10 11.34
N GLN A 182 -6.85 -14.50 10.09
CA GLN A 182 -6.31 -15.74 9.45
C GLN A 182 -6.58 -16.96 10.35
N GLY A 183 -7.79 -17.06 10.90
CA GLY A 183 -8.24 -18.20 11.74
C GLY A 183 -7.55 -18.31 13.10
N ASP A 184 -6.89 -17.26 13.60
CA ASP A 184 -6.29 -17.26 14.96
C ASP A 184 -7.41 -16.95 15.97
N GLU A 185 -8.01 -17.99 16.57
CA GLU A 185 -9.12 -17.84 17.55
C GLU A 185 -8.66 -17.04 18.77
N GLU A 186 -7.38 -17.15 19.16
CA GLU A 186 -6.84 -16.48 20.37
C GLU A 186 -6.78 -14.99 20.10
N VAL A 187 -6.31 -14.60 18.93
CA VAL A 187 -6.20 -13.16 18.56
C VAL A 187 -7.60 -12.58 18.52
N LEU A 188 -8.53 -13.27 17.87
CA LEU A 188 -9.91 -12.76 17.76
C LEU A 188 -10.52 -12.60 19.15
N ARG A 189 -10.30 -13.58 20.04
N ARG A 189 -10.30 -13.58 20.04
CA ARG A 189 -10.87 -13.54 21.41
CA ARG A 189 -10.87 -13.54 21.41
C ARG A 189 -10.30 -12.33 22.16
C ARG A 189 -10.30 -12.32 22.16
N ARG A 190 -8.99 -12.13 22.07
CA ARG A 190 -8.27 -10.99 22.73
C ARG A 190 -8.75 -9.66 22.15
N TYR A 191 -8.91 -9.54 20.84
CA TYR A 191 -9.51 -8.33 20.23
C TYR A 191 -10.88 -8.06 20.85
N LEU A 192 -11.73 -9.06 20.95
CA LEU A 192 -13.11 -8.83 21.42
C LEU A 192 -13.08 -8.40 22.89
N ASN A 193 -12.23 -9.04 23.68
CA ASN A 193 -12.08 -8.71 25.12
C ASN A 193 -11.63 -7.26 25.22
N ARG A 194 -10.65 -6.86 24.39
CA ARG A 194 -10.13 -5.48 24.41
C ARG A 194 -11.24 -4.50 23.98
N LEU A 195 -11.99 -4.79 22.92
CA LEU A 195 -13.06 -3.86 22.47
C LEU A 195 -14.13 -3.73 23.54
N GLN A 196 -14.52 -4.82 24.21
CA GLN A 196 -15.53 -4.75 25.30
C GLN A 196 -15.04 -3.79 26.39
N GLN A 197 -13.77 -3.88 26.78
CA GLN A 197 -13.16 -3.09 27.88
C GLN A 197 -13.03 -1.65 27.39
N ILE A 198 -12.64 -1.43 26.13
CA ILE A 198 -12.63 -0.06 25.55
C ILE A 198 -14.03 0.56 25.61
N ARG A 199 -15.08 -0.14 25.15
CA ARG A 199 -16.45 0.42 25.16
C ARG A 199 -16.80 0.85 26.59
N ASP A 200 -16.55 -0.03 27.56
CA ASP A 200 -16.83 0.25 28.99
C ASP A 200 -16.11 1.53 29.43
N THR A 201 -14.87 1.71 29.03
CA THR A 201 -14.05 2.89 29.40
C THR A 201 -14.60 4.13 28.74
N LEU A 202 -14.96 4.05 27.46
CA LEU A 202 -15.52 5.22 26.74
C LEU A 202 -16.84 5.66 27.38
N GLU A 203 -17.64 4.71 27.83
CA GLU A 203 -18.98 5.02 28.39
C GLU A 203 -18.85 5.75 29.73
N VAL A 204 -17.72 5.69 30.41
CA VAL A 204 -17.55 6.37 31.73
C VAL A 204 -16.53 7.51 31.64
N SER A 205 -15.89 7.69 30.49
CA SER A 205 -14.81 8.69 30.29
C SER A 205 -15.36 10.12 30.37
N GLU A 206 -14.75 10.97 31.22
CA GLU A 206 -15.03 12.42 31.30
C GLU A 206 -14.63 13.08 29.98
N PHE A 207 -13.42 12.79 29.48
CA PHE A 207 -12.96 13.27 28.16
C PHE A 207 -14.00 12.96 27.08
N PHE A 208 -14.44 11.70 26.97
CA PHE A 208 -15.27 11.26 25.81
C PHE A 208 -16.64 11.98 25.80
N ARG A 209 -17.30 12.13 26.94
CA ARG A 209 -18.66 12.73 26.98
C ARG A 209 -18.56 14.23 26.62
N ARG A 210 -17.38 14.85 26.76
CA ARG A 210 -17.18 16.33 26.60
C ARG A 210 -16.55 16.67 25.24
N HIS A 211 -16.31 15.69 24.38
CA HIS A 211 -15.54 15.92 23.14
C HIS A 211 -16.26 15.25 21.97
N GLU A 212 -16.25 15.96 20.85
CA GLU A 212 -16.68 15.49 19.52
C GLU A 212 -15.45 14.79 18.93
N VAL A 213 -15.57 13.50 18.68
CA VAL A 213 -14.40 12.65 18.30
C VAL A 213 -14.51 12.32 16.82
N ILE A 214 -13.81 13.09 15.99
CA ILE A 214 -13.94 13.03 14.51
C ILE A 214 -12.60 12.63 13.92
N GLY A 215 -12.59 11.70 12.98
CA GLY A 215 -11.39 11.34 12.20
C GLY A 215 -10.37 10.52 12.99
N SER A 216 -10.75 9.99 14.16
CA SER A 216 -9.89 9.07 14.96
C SER A 216 -10.06 7.63 14.45
N SER A 217 -9.12 6.76 14.80
CA SER A 217 -9.12 5.34 14.41
C SER A 217 -9.01 4.45 15.65
N LEU A 218 -9.40 3.20 15.47
CA LEU A 218 -9.00 2.07 16.32
C LEU A 218 -7.94 1.34 15.53
N LEU A 219 -6.78 1.20 16.14
CA LEU A 219 -5.65 0.45 15.55
C LEU A 219 -5.62 -0.95 16.16
N PHE A 220 -5.88 -1.96 15.34
CA PHE A 220 -5.79 -3.39 15.72
C PHE A 220 -4.39 -3.88 15.37
N VAL A 221 -3.68 -4.46 16.33
CA VAL A 221 -2.30 -4.98 16.13
C VAL A 221 -2.23 -6.41 16.67
N HIS A 222 -1.73 -7.36 15.86
CA HIS A 222 -1.51 -8.73 16.38
C HIS A 222 -0.27 -9.32 15.72
N ASP A 223 0.22 -10.41 16.28
CA ASP A 223 1.40 -11.11 15.73
C ASP A 223 1.17 -12.62 15.75
N HIS A 224 2.13 -13.38 15.23
CA HIS A 224 2.01 -14.86 15.07
C HIS A 224 2.17 -15.54 16.43
N CYS A 225 2.64 -14.82 17.45
CA CYS A 225 2.69 -15.30 18.87
C CYS A 225 1.34 -15.13 19.56
N HIS A 226 0.35 -14.61 18.83
CA HIS A 226 -1.07 -14.47 19.26
C HIS A 226 -1.23 -13.27 20.19
N ARG A 227 -0.21 -12.42 20.30
N ARG A 227 -0.21 -12.42 20.31
CA ARG A 227 -0.32 -11.10 20.98
CA ARG A 227 -0.32 -11.10 21.00
C ARG A 227 -1.31 -10.23 20.19
C ARG A 227 -1.30 -10.24 20.20
N ALA A 228 -2.21 -9.53 20.88
CA ALA A 228 -3.26 -8.71 20.22
C ALA A 228 -3.53 -7.50 21.10
N GLY A 229 -3.52 -6.32 20.51
CA GLY A 229 -3.87 -5.07 21.20
C GLY A 229 -4.74 -4.21 20.32
N VAL A 230 -5.47 -3.30 20.93
CA VAL A 230 -6.27 -2.31 20.18
C VAL A 230 -6.10 -0.98 20.90
N TRP A 231 -5.92 0.09 20.15
CA TRP A 231 -5.78 1.44 20.74
C TRP A 231 -6.54 2.46 19.92
N LEU A 232 -7.04 3.51 20.56
CA LEU A 232 -7.58 4.69 19.83
C LEU A 232 -6.38 5.54 19.45
N ILE A 233 -6.36 6.05 18.22
CA ILE A 233 -5.30 7.00 17.78
C ILE A 233 -5.94 8.13 16.97
N ASP A 234 -5.16 9.18 16.81
CA ASP A 234 -5.41 10.33 15.89
C ASP A 234 -6.49 11.23 16.47
N PHE A 235 -6.05 12.19 17.28
CA PHE A 235 -6.96 13.14 17.97
C PHE A 235 -6.83 14.53 17.35
N GLY A 236 -6.36 14.58 16.11
CA GLY A 236 -6.18 15.84 15.36
C GLY A 236 -7.48 16.56 15.06
N LYS A 237 -8.63 15.87 15.10
CA LYS A 237 -9.94 16.53 14.84
C LYS A 237 -10.91 16.26 15.98
N THR A 238 -10.40 16.06 17.18
CA THR A 238 -11.20 15.85 18.41
C THR A 238 -11.28 17.18 19.16
N THR A 239 -12.48 17.74 19.30
CA THR A 239 -12.67 19.14 19.76
C THR A 239 -13.60 19.18 20.97
N PRO A 240 -13.28 20.01 22.00
CA PRO A 240 -14.13 20.13 23.18
C PRO A 240 -15.49 20.75 22.83
N LEU A 241 -16.56 20.25 23.45
CA LEU A 241 -17.92 20.82 23.34
C LEU A 241 -17.96 22.13 24.12
N PRO A 242 -18.77 23.12 23.67
CA PRO A 242 -18.88 24.39 24.37
C PRO A 242 -19.56 24.21 25.74
N ASP A 243 -19.09 24.98 26.74
CA ASP A 243 -19.74 25.26 28.05
C ASP A 243 -20.50 24.03 28.57
N GLY A 244 -19.78 22.96 28.92
CA GLY A 244 -20.35 21.79 29.63
C GLY A 244 -21.49 21.12 28.86
N GLN A 245 -21.49 21.19 27.53
CA GLN A 245 -22.40 20.40 26.65
C GLN A 245 -21.85 18.96 26.63
N ILE A 246 -22.68 17.93 26.45
CA ILE A 246 -22.18 16.52 26.34
C ILE A 246 -22.86 15.80 25.16
N LEU A 247 -22.20 14.77 24.62
CA LEU A 247 -22.74 13.89 23.57
C LEU A 247 -23.01 12.48 24.14
N ASP A 248 -23.92 11.73 23.51
CA ASP A 248 -24.19 10.31 23.83
C ASP A 248 -23.41 9.40 22.87
N HIS A 249 -22.97 9.94 21.73
CA HIS A 249 -22.13 9.23 20.74
C HIS A 249 -22.86 8.06 20.07
N ARG A 250 -24.19 8.02 20.14
CA ARG A 250 -25.02 6.96 19.51
C ARG A 250 -26.09 7.61 18.62
N ARG A 251 -26.66 8.75 19.03
CA ARG A 251 -27.83 9.32 18.32
C ARG A 251 -27.38 9.86 16.96
N PRO A 252 -28.30 9.92 15.97
CA PRO A 252 -27.96 10.39 14.64
C PRO A 252 -27.40 11.82 14.63
N TRP A 253 -26.48 12.10 13.69
CA TRP A 253 -25.93 13.46 13.52
C TRP A 253 -26.94 14.29 12.75
N GLU A 254 -27.26 15.48 13.29
CA GLU A 254 -28.00 16.59 12.64
C GLU A 254 -27.21 17.87 12.87
N GLU A 255 -26.81 18.53 11.80
CA GLU A 255 -25.98 19.76 11.86
C GLU A 255 -26.48 20.63 13.01
N GLY A 256 -25.59 21.00 13.93
CA GLY A 256 -25.93 21.70 15.19
C GLY A 256 -25.65 20.85 16.42
N ASN A 257 -25.92 19.55 16.38
CA ASN A 257 -25.90 18.67 17.59
C ASN A 257 -24.50 18.05 17.81
N ARG A 258 -23.60 18.11 16.82
CA ARG A 258 -22.16 17.73 16.95
C ARG A 258 -21.99 16.23 17.25
N GLU A 259 -23.02 15.41 17.04
CA GLU A 259 -22.96 13.95 17.30
C GLU A 259 -22.06 13.30 16.24
N ASP A 260 -21.26 12.31 16.65
CA ASP A 260 -20.22 11.66 15.80
C ASP A 260 -20.55 10.19 15.54
N GLY A 261 -21.55 9.61 16.22
CA GLY A 261 -21.91 8.18 16.13
C GLY A 261 -20.76 7.23 16.47
N TYR A 262 -19.80 7.65 17.29
CA TYR A 262 -18.60 6.86 17.62
C TYR A 262 -19.02 5.49 18.21
N LEU A 263 -19.95 5.51 19.17
CA LEU A 263 -20.31 4.27 19.92
C LEU A 263 -21.25 3.41 19.08
N LEU A 264 -22.05 4.00 18.19
CA LEU A 264 -22.81 3.22 17.18
C LEU A 264 -21.80 2.36 16.39
N GLY A 265 -20.74 2.98 15.89
CA GLY A 265 -19.62 2.27 15.23
C GLY A 265 -19.07 1.16 16.10
N LEU A 266 -18.72 1.47 17.34
CA LEU A 266 -18.03 0.49 18.21
C LEU A 266 -18.99 -0.67 18.48
N ASP A 267 -20.26 -0.38 18.71
CA ASP A 267 -21.30 -1.40 18.96
C ASP A 267 -21.35 -2.35 17.77
N ASN A 268 -21.36 -1.81 16.55
CA ASN A 268 -21.44 -2.60 15.30
C ASN A 268 -20.16 -3.40 15.11
N LEU A 269 -19.01 -2.78 15.37
CA LEU A 269 -17.70 -3.45 15.25
C LEU A 269 -17.63 -4.65 16.20
N ILE A 270 -18.06 -4.46 17.45
CA ILE A 270 -18.08 -5.58 18.43
C ILE A 270 -19.01 -6.68 17.89
N GLY A 271 -20.20 -6.34 17.38
CA GLY A 271 -21.19 -7.31 16.87
C GLY A 271 -20.64 -8.16 15.75
N ILE A 272 -19.84 -7.56 14.88
CA ILE A 272 -19.26 -8.23 13.69
C ILE A 272 -18.18 -9.20 14.16
N LEU A 273 -17.31 -8.75 15.07
CA LEU A 273 -16.24 -9.61 15.62
C LEU A 273 -16.88 -10.74 16.42
N ALA A 274 -17.93 -10.47 17.19
CA ALA A 274 -18.65 -11.53 17.95
C ALA A 274 -19.27 -12.54 16.98
N SER A 275 -19.76 -12.07 15.81
CA SER A 275 -20.33 -12.92 14.74
C SER A 275 -19.25 -13.79 14.13
N LEU A 276 -18.11 -13.18 13.78
CA LEU A 276 -16.95 -13.90 13.23
C LEU A 276 -16.53 -15.03 14.17
N ALA A 277 -16.49 -14.75 15.47
CA ALA A 277 -16.01 -15.71 16.50
C ALA A 277 -16.89 -16.95 16.53
N GLU A 278 -18.17 -16.82 16.16
CA GLU A 278 -19.14 -17.96 16.14
C GLU A 278 -19.15 -18.68 14.78
N ARG A 279 -18.43 -18.20 13.77
CA ARG A 279 -18.37 -18.84 12.42
C ARG A 279 -17.42 -20.04 12.47
N GLY B 1 -2.32 12.26 -14.07
CA GLY B 1 -1.25 11.51 -14.78
C GLY B 1 0.15 11.94 -14.38
N SER B 2 0.55 11.67 -13.13
CA SER B 2 1.90 11.94 -12.56
C SER B 2 2.20 10.87 -11.51
N HIS B 3 3.38 10.24 -11.53
CA HIS B 3 3.77 9.27 -10.47
C HIS B 3 3.92 10.00 -9.12
N MET B 4 4.67 11.11 -9.08
CA MET B 4 4.95 11.91 -7.86
C MET B 4 3.65 12.40 -7.21
N SER B 5 2.60 12.68 -8.00
CA SER B 5 1.24 12.97 -7.48
C SER B 5 0.78 11.81 -6.59
N TRP B 6 0.83 10.56 -7.10
CA TRP B 6 0.49 9.34 -6.30
C TRP B 6 1.33 9.32 -5.02
N VAL B 7 2.66 9.45 -5.15
CA VAL B 7 3.66 9.30 -4.04
C VAL B 7 3.25 10.22 -2.87
N GLN B 8 2.87 11.46 -3.17
CA GLN B 8 2.42 12.47 -2.17
C GLN B 8 1.02 12.10 -1.66
N GLY B 14 11.50 7.49 -1.88
CA GLY B 14 12.51 6.44 -2.11
C GLY B 14 13.45 6.80 -3.26
N SER B 15 13.23 6.19 -4.43
CA SER B 15 14.15 6.25 -5.59
C SER B 15 13.83 7.45 -6.50
N PHE B 16 12.62 8.02 -6.40
CA PHE B 16 12.05 8.93 -7.42
C PHE B 16 11.89 10.34 -6.84
N LYS B 17 12.28 11.36 -7.62
CA LYS B 17 12.05 12.79 -7.31
C LYS B 17 11.33 13.47 -8.47
N ALA B 18 10.52 14.50 -8.18
CA ALA B 18 9.82 15.31 -9.19
C ALA B 18 10.86 15.97 -10.09
N ALA B 19 10.60 15.96 -11.41
CA ALA B 19 11.41 16.68 -12.42
C ALA B 19 10.84 18.09 -12.53
N GLY B 20 11.67 19.06 -12.94
CA GLY B 20 11.24 20.45 -13.20
C GLY B 20 10.38 20.54 -14.44
N THR B 21 10.70 19.71 -15.44
CA THR B 21 10.04 19.64 -16.78
C THR B 21 8.76 18.80 -16.72
N SER B 22 7.69 19.30 -17.34
CA SER B 22 6.40 18.59 -17.53
C SER B 22 6.64 17.24 -18.21
N GLY B 23 6.05 16.18 -17.68
CA GLY B 23 6.00 14.84 -18.29
C GLY B 23 7.24 14.00 -18.01
N LEU B 24 8.15 14.48 -17.18
CA LEU B 24 9.39 13.76 -16.81
C LEU B 24 9.36 13.40 -15.33
N ILE B 25 10.26 12.52 -14.93
CA ILE B 25 10.43 12.08 -13.52
C ILE B 25 11.90 11.71 -13.38
N LEU B 26 12.44 11.87 -12.17
CA LEU B 26 13.85 11.57 -11.89
C LEU B 26 13.92 10.26 -11.11
N LYS B 27 14.88 9.42 -11.47
CA LYS B 27 15.21 8.19 -10.72
C LYS B 27 16.69 8.23 -10.35
N ARG B 28 16.97 8.00 -9.07
CA ARG B 28 18.37 7.91 -8.57
C ARG B 28 19.16 7.04 -9.54
N CYS B 29 20.18 7.61 -10.15
CA CYS B 29 21.04 6.95 -11.16
C CYS B 29 21.85 5.82 -10.50
N SER B 30 21.84 4.64 -11.12
CA SER B 30 22.76 3.50 -10.86
C SER B 30 23.44 3.15 -12.19
N GLU B 31 24.69 2.69 -12.15
CA GLU B 31 25.50 2.55 -13.38
C GLU B 31 24.88 1.49 -14.29
N PRO B 32 24.47 0.31 -13.76
CA PRO B 32 23.87 -0.71 -14.60
C PRO B 32 22.65 -0.16 -15.35
N GLU B 33 21.76 0.55 -14.65
CA GLU B 33 20.48 1.06 -15.21
C GLU B 33 20.79 2.13 -16.26
N ARG B 34 21.74 3.04 -16.01
CA ARG B 34 22.13 4.08 -17.01
C ARG B 34 22.67 3.36 -18.25
N TYR B 35 23.55 2.38 -18.06
CA TYR B 35 24.14 1.58 -19.16
C TYR B 35 23.00 1.03 -20.02
N CYS B 36 22.02 0.39 -19.39
CA CYS B 36 20.88 -0.29 -20.10
C CYS B 36 20.05 0.74 -20.87
N LEU B 37 19.61 1.81 -20.21
CA LEU B 37 18.66 2.78 -20.83
C LEU B 37 19.33 3.46 -22.02
N ALA B 38 20.64 3.73 -21.96
CA ALA B 38 21.36 4.35 -23.10
C ALA B 38 21.31 3.37 -24.29
N ARG B 39 21.56 2.10 -24.02
CA ARG B 39 21.47 1.01 -25.03
C ARG B 39 20.05 0.90 -25.58
N LEU B 40 19.04 0.95 -24.71
CA LEU B 40 17.64 0.70 -25.12
C LEU B 40 17.13 1.84 -26.02
N MET B 41 17.68 3.05 -25.93
CA MET B 41 17.19 4.17 -26.77
C MET B 41 17.57 3.90 -28.23
N ALA B 42 18.56 3.04 -28.45
CA ALA B 42 19.13 2.73 -29.79
C ALA B 42 18.73 1.30 -30.21
N ASP B 43 17.77 0.69 -29.54
CA ASP B 43 17.42 -0.75 -29.72
C ASP B 43 16.00 -0.85 -30.26
N ALA B 44 15.65 -2.03 -30.80
CA ALA B 44 14.26 -2.40 -31.13
C ALA B 44 13.34 -2.00 -29.98
N LEU B 45 13.80 -2.20 -28.72
CA LEU B 45 12.93 -1.99 -27.53
C LEU B 45 12.71 -0.51 -27.16
N ARG B 46 13.23 0.43 -27.93
CA ARG B 46 13.11 1.87 -27.64
C ARG B 46 11.68 2.26 -27.23
N GLY B 47 10.67 1.84 -28.00
CA GLY B 47 9.26 2.18 -27.78
C GLY B 47 8.66 1.47 -26.58
N CYS B 48 9.33 0.46 -26.05
CA CYS B 48 8.76 -0.44 -25.01
C CYS B 48 9.23 -0.04 -23.61
N VAL B 49 10.07 0.99 -23.50
CA VAL B 49 10.72 1.42 -22.24
C VAL B 49 10.51 2.93 -22.15
N PRO B 50 10.56 3.51 -20.92
CA PRO B 50 10.43 4.95 -20.77
C PRO B 50 11.57 5.65 -21.51
N ALA B 51 11.26 6.75 -22.18
CA ALA B 51 12.29 7.61 -22.79
C ALA B 51 13.33 7.99 -21.71
N PHE B 52 14.61 7.85 -22.03
CA PHE B 52 15.75 8.23 -21.17
C PHE B 52 16.44 9.43 -21.82
N HIS B 53 16.51 10.56 -21.11
CA HIS B 53 16.97 11.86 -21.67
C HIS B 53 18.38 12.22 -21.20
N GLY B 54 18.99 11.38 -20.37
CA GLY B 54 20.33 11.59 -19.82
C GLY B 54 20.32 11.73 -18.31
N VAL B 55 21.50 11.99 -17.73
CA VAL B 55 21.73 12.06 -16.27
C VAL B 55 21.83 13.55 -15.89
N VAL B 56 21.11 13.96 -14.85
CA VAL B 56 21.14 15.36 -14.33
C VAL B 56 21.57 15.29 -12.87
N GLU B 57 22.35 16.28 -12.43
CA GLU B 57 22.75 16.43 -11.00
C GLU B 57 21.68 17.29 -10.31
N ARG B 58 20.98 16.74 -9.32
CA ARG B 58 19.95 17.49 -8.56
C ARG B 58 20.30 17.46 -7.07
N ASP B 59 20.61 18.65 -6.54
CA ASP B 59 20.75 18.93 -5.08
C ASP B 59 21.60 17.84 -4.45
N GLY B 60 22.80 17.59 -5.00
CA GLY B 60 23.80 16.70 -4.41
C GLY B 60 24.13 15.50 -5.29
N GLU B 61 23.14 14.84 -5.90
CA GLU B 61 23.32 13.49 -6.47
C GLU B 61 22.77 13.36 -7.90
N SER B 62 23.14 12.26 -8.55
CA SER B 62 22.83 11.90 -9.97
C SER B 62 21.43 11.30 -10.06
N TYR B 63 20.68 11.72 -11.07
CA TYR B 63 19.31 11.23 -11.37
C TYR B 63 19.19 10.92 -12.87
N LEU B 64 18.55 9.80 -13.18
CA LEU B 64 18.09 9.49 -14.56
C LEU B 64 16.91 10.39 -14.85
N GLN B 65 16.96 11.13 -15.96
CA GLN B 65 15.82 11.93 -16.45
C GLN B 65 14.96 11.03 -17.35
N LEU B 66 13.80 10.60 -16.85
CA LEU B 66 12.90 9.62 -17.54
C LEU B 66 11.58 10.27 -17.93
N GLN B 67 11.00 9.78 -19.01
CA GLN B 67 9.58 9.96 -19.32
C GLN B 67 8.80 9.50 -18.09
N ASP B 68 7.85 10.31 -17.63
CA ASP B 68 6.82 9.88 -16.66
C ASP B 68 5.72 9.16 -17.40
N LEU B 69 5.65 7.84 -17.25
CA LEU B 69 4.73 6.98 -18.02
C LEU B 69 3.27 7.30 -17.69
N LEU B 70 2.98 7.95 -16.56
CA LEU B 70 1.57 8.28 -16.22
C LEU B 70 1.10 9.56 -16.93
N ASP B 71 2.01 10.32 -17.54
CA ASP B 71 1.69 11.67 -18.09
C ASP B 71 0.41 11.60 -18.95
N GLY B 72 0.34 10.69 -19.92
CA GLY B 72 -0.72 10.69 -20.95
C GLY B 72 -2.05 10.16 -20.46
N PHE B 73 -2.21 9.93 -19.15
CA PHE B 73 -3.40 9.24 -18.58
C PHE B 73 -4.16 10.20 -17.67
N ASP B 74 -5.48 10.05 -17.62
N ASP B 74 -5.48 10.05 -17.60
CA ASP B 74 -6.37 10.83 -16.73
CA ASP B 74 -6.38 10.85 -16.74
C ASP B 74 -6.83 9.93 -15.58
C ASP B 74 -6.84 9.96 -15.58
N GLY B 75 -6.15 10.03 -14.44
CA GLY B 75 -6.44 9.20 -13.25
C GLY B 75 -6.05 7.76 -13.51
N PRO B 76 -4.74 7.49 -13.70
CA PRO B 76 -4.29 6.16 -14.08
C PRO B 76 -4.36 5.12 -12.93
N CYS B 77 -4.71 3.88 -13.27
CA CYS B 77 -4.54 2.63 -12.48
C CYS B 77 -3.24 1.98 -12.94
N VAL B 78 -2.43 1.46 -12.04
CA VAL B 78 -1.08 0.93 -12.37
C VAL B 78 -0.92 -0.44 -11.74
N LEU B 79 -0.52 -1.45 -12.52
CA LEU B 79 -0.16 -2.78 -11.97
C LEU B 79 1.30 -3.05 -12.34
N ASP B 80 2.11 -3.42 -11.35
CA ASP B 80 3.54 -3.70 -11.53
C ASP B 80 3.70 -5.23 -11.44
N CYS B 81 4.31 -5.78 -12.48
CA CYS B 81 4.51 -7.22 -12.67
C CYS B 81 6.01 -7.54 -12.73
N LYS B 82 6.58 -8.23 -11.74
CA LYS B 82 8.04 -8.53 -11.74
C LYS B 82 8.28 -9.74 -12.68
N MET B 83 9.14 -9.58 -13.68
CA MET B 83 9.32 -10.59 -14.75
C MET B 83 10.49 -11.52 -14.44
N GLY B 84 10.30 -12.82 -14.70
CA GLY B 84 11.39 -13.80 -14.62
C GLY B 84 11.13 -14.90 -13.60
N VAL B 85 11.70 -16.08 -13.87
CA VAL B 85 11.67 -17.23 -12.92
C VAL B 85 12.70 -16.97 -11.81
N ARG B 86 13.75 -16.21 -12.11
CA ARG B 86 14.86 -15.90 -11.17
C ARG B 86 14.88 -14.37 -10.96
N THR B 87 14.97 -13.94 -9.70
CA THR B 87 14.85 -12.52 -9.31
C THR B 87 16.12 -12.01 -8.62
N TYR B 88 17.23 -12.73 -8.69
CA TYR B 88 18.53 -12.36 -8.07
C TYR B 88 19.66 -12.75 -9.03
N LEU B 89 20.81 -12.09 -8.93
CA LEU B 89 22.00 -12.39 -9.77
C LEU B 89 22.67 -13.68 -9.25
N GLU B 90 23.31 -14.43 -10.14
CA GLU B 90 24.01 -15.69 -9.78
C GLU B 90 25.15 -15.39 -8.79
N GLU B 91 25.80 -14.23 -8.92
N GLU B 91 25.80 -14.23 -8.92
CA GLU B 91 26.92 -13.77 -8.05
CA GLU B 91 26.94 -13.80 -8.05
C GLU B 91 26.53 -13.92 -6.57
C GLU B 91 26.54 -13.86 -6.57
N GLU B 92 25.25 -13.67 -6.27
CA GLU B 92 24.67 -13.75 -4.90
C GLU B 92 24.86 -15.13 -4.29
N LEU B 93 24.80 -16.19 -5.11
CA LEU B 93 24.96 -17.60 -4.65
C LEU B 93 26.43 -17.85 -4.30
N THR B 94 27.33 -17.44 -5.21
CA THR B 94 28.82 -17.54 -5.09
C THR B 94 29.22 -17.06 -3.69
N LYS B 95 28.79 -15.82 -3.36
CA LYS B 95 28.94 -15.15 -2.05
C LYS B 95 28.44 -16.08 -0.94
N ALA B 96 27.23 -16.62 -1.11
CA ALA B 96 26.49 -17.44 -0.12
C ALA B 96 27.01 -18.89 -0.09
N ARG B 97 27.82 -19.32 -1.08
CA ARG B 97 28.44 -20.69 -1.07
C ARG B 97 29.90 -20.56 -0.62
N GLU B 98 30.22 -19.46 0.06
CA GLU B 98 31.54 -19.14 0.67
C GLU B 98 31.30 -18.65 2.10
N ARG B 99 31.50 -17.34 2.35
CA ARG B 99 31.23 -16.69 3.67
C ARG B 99 29.92 -15.91 3.56
N PRO B 100 28.78 -16.52 3.95
CA PRO B 100 27.45 -16.00 3.63
C PRO B 100 27.05 -14.73 4.39
N LYS B 101 26.46 -13.75 3.70
CA LYS B 101 25.95 -12.49 4.32
C LYS B 101 24.57 -12.77 4.92
N LEU B 102 24.37 -12.35 6.17
CA LEU B 102 23.11 -12.56 6.94
C LEU B 102 22.29 -11.26 6.88
N ARG B 103 21.01 -11.37 6.47
CA ARG B 103 20.07 -10.23 6.31
C ARG B 103 18.99 -10.31 7.39
N LYS B 104 18.99 -9.37 8.34
CA LYS B 104 18.02 -9.33 9.47
C LYS B 104 16.64 -8.88 8.96
N ASP B 105 16.63 -7.85 8.10
CA ASP B 105 15.40 -7.31 7.44
C ASP B 105 14.69 -8.43 6.67
N MET B 106 15.41 -9.27 5.92
CA MET B 106 14.77 -10.33 5.08
C MET B 106 14.21 -11.44 5.98
N TYR B 107 14.77 -11.65 7.16
CA TYR B 107 14.18 -12.59 8.14
C TYR B 107 12.80 -12.06 8.57
N LYS B 108 12.71 -10.76 8.90
CA LYS B 108 11.45 -10.08 9.33
C LYS B 108 10.40 -10.25 8.23
N LYS B 109 10.76 -9.85 7.00
CA LYS B 109 9.87 -9.93 5.81
C LYS B 109 9.33 -11.36 5.68
N MET B 110 10.18 -12.37 5.87
CA MET B 110 9.80 -13.80 5.73
C MET B 110 8.82 -14.16 6.84
N LEU B 111 9.14 -13.77 8.06
CA LEU B 111 8.33 -14.14 9.26
C LEU B 111 6.90 -13.57 9.13
N ALA B 112 6.77 -12.35 8.59
CA ALA B 112 5.49 -11.62 8.43
C ALA B 112 4.57 -12.34 7.43
N VAL B 113 5.14 -13.09 6.47
CA VAL B 113 4.36 -13.88 5.48
C VAL B 113 4.16 -15.32 6.01
N ASP B 114 5.24 -15.99 6.40
CA ASP B 114 5.20 -17.39 6.93
C ASP B 114 6.14 -17.50 8.11
N PRO B 115 5.60 -17.39 9.36
CA PRO B 115 6.42 -17.58 10.56
C PRO B 115 7.01 -18.99 10.68
N GLU B 116 6.46 -20.00 9.98
CA GLU B 116 6.99 -21.39 9.96
C GLU B 116 8.03 -21.61 8.85
N ALA B 117 8.27 -20.63 7.96
CA ALA B 117 9.18 -20.77 6.80
C ALA B 117 10.65 -20.76 7.22
N PRO B 118 11.12 -19.87 8.12
CA PRO B 118 12.53 -19.88 8.54
C PRO B 118 12.88 -21.19 9.27
N THR B 119 14.15 -21.62 9.20
CA THR B 119 14.71 -22.80 9.95
C THR B 119 15.03 -22.38 11.40
N GLU B 120 15.10 -23.37 12.31
CA GLU B 120 15.62 -23.19 13.70
C GLU B 120 16.87 -22.30 13.69
N GLU B 121 17.79 -22.53 12.74
CA GLU B 121 19.07 -21.78 12.57
C GLU B 121 18.80 -20.31 12.20
N GLU B 122 17.91 -20.07 11.23
CA GLU B 122 17.53 -18.72 10.74
C GLU B 122 16.71 -17.99 11.83
N HIS B 123 15.93 -18.73 12.62
CA HIS B 123 15.16 -18.24 13.80
C HIS B 123 16.09 -17.69 14.90
N ALA B 124 17.17 -18.42 15.19
CA ALA B 124 18.22 -18.08 16.17
C ALA B 124 18.97 -16.83 15.70
N GLN B 125 19.42 -16.83 14.44
CA GLN B 125 20.16 -15.71 13.79
C GLN B 125 19.25 -14.47 13.72
N ARG B 126 17.94 -14.68 13.52
CA ARG B 126 16.95 -13.64 13.12
C ARG B 126 17.46 -12.96 11.84
N ALA B 127 17.92 -13.79 10.89
CA ALA B 127 18.50 -13.40 9.59
C ALA B 127 18.50 -14.62 8.64
N VAL B 128 18.42 -14.35 7.33
CA VAL B 128 18.51 -15.36 6.22
C VAL B 128 19.47 -14.80 5.15
N THR B 129 19.93 -15.63 4.21
CA THR B 129 20.70 -15.15 3.02
C THR B 129 19.69 -14.55 2.02
N LYS B 130 20.13 -13.60 1.18
CA LYS B 130 19.29 -12.95 0.14
C LYS B 130 18.81 -13.99 -0.88
N PRO B 131 19.70 -14.83 -1.45
CA PRO B 131 19.27 -15.86 -2.40
C PRO B 131 18.19 -16.78 -1.82
N ARG B 132 18.35 -17.24 -0.58
N ARG B 132 18.35 -17.23 -0.58
CA ARG B 132 17.36 -18.09 0.12
CA ARG B 132 17.37 -18.10 0.11
C ARG B 132 16.02 -17.35 0.21
C ARG B 132 16.04 -17.37 0.24
N TYR B 133 16.06 -16.09 0.65
CA TYR B 133 14.84 -15.28 0.77
C TYR B 133 14.20 -15.14 -0.63
N MET B 134 14.99 -14.77 -1.63
CA MET B 134 14.45 -14.49 -2.99
C MET B 134 13.92 -15.81 -3.58
N GLN B 135 14.59 -16.95 -3.35
CA GLN B 135 14.09 -18.27 -3.81
C GLN B 135 12.77 -18.60 -3.11
N TRP B 136 12.65 -18.30 -1.81
CA TRP B 136 11.38 -18.58 -1.09
C TRP B 136 10.26 -17.68 -1.70
N ARG B 137 10.54 -16.41 -1.95
CA ARG B 137 9.56 -15.43 -2.52
C ARG B 137 9.08 -15.94 -3.88
N GLU B 138 10.00 -16.52 -4.66
CA GLU B 138 9.72 -17.04 -6.01
C GLU B 138 8.70 -18.18 -5.92
N GLY B 139 8.84 -19.03 -4.89
CA GLY B 139 8.13 -20.32 -4.81
C GLY B 139 6.74 -20.18 -4.25
N ILE B 140 6.48 -19.22 -3.36
CA ILE B 140 5.11 -18.98 -2.78
C ILE B 140 4.29 -18.05 -3.69
N SER B 141 4.95 -17.23 -4.52
CA SER B 141 4.28 -16.46 -5.61
C SER B 141 4.24 -17.30 -6.89
N SER B 142 3.88 -16.68 -8.03
CA SER B 142 3.82 -17.35 -9.35
C SER B 142 5.19 -17.33 -10.05
N SER B 143 6.22 -16.73 -9.45
CA SER B 143 7.55 -16.52 -10.10
C SER B 143 8.10 -17.85 -10.60
N THR B 144 8.25 -18.84 -9.73
CA THR B 144 8.91 -20.13 -10.09
C THR B 144 8.17 -20.86 -11.22
N THR B 145 6.85 -20.97 -11.15
CA THR B 145 6.03 -21.81 -12.06
C THR B 145 5.58 -21.03 -13.31
N LEU B 146 5.31 -19.72 -13.21
CA LEU B 146 4.73 -18.97 -14.35
C LEU B 146 5.76 -18.00 -14.94
N GLY B 147 6.83 -17.65 -14.24
CA GLY B 147 7.90 -16.76 -14.75
C GLY B 147 7.54 -15.29 -14.63
N PHE B 148 6.60 -14.95 -13.76
CA PHE B 148 6.28 -13.55 -13.39
C PHE B 148 5.52 -13.55 -12.07
N ARG B 149 5.43 -12.39 -11.45
CA ARG B 149 4.51 -12.25 -10.29
C ARG B 149 4.00 -10.81 -10.22
N ILE B 150 2.76 -10.66 -9.80
CA ILE B 150 2.15 -9.34 -9.54
C ILE B 150 2.76 -8.78 -8.26
N GLU B 151 3.33 -7.57 -8.29
CA GLU B 151 3.96 -6.95 -7.11
C GLU B 151 2.92 -6.04 -6.45
N GLY B 152 2.15 -5.29 -7.24
CA GLY B 152 1.29 -4.26 -6.64
C GLY B 152 0.37 -3.60 -7.63
N ILE B 153 -0.67 -2.96 -7.10
CA ILE B 153 -1.69 -2.21 -7.87
C ILE B 153 -1.84 -0.86 -7.19
N LYS B 154 -1.78 0.22 -7.97
CA LYS B 154 -2.17 1.59 -7.50
C LYS B 154 -3.43 1.98 -8.28
N LYS B 155 -4.55 2.25 -7.59
CA LYS B 155 -5.90 2.42 -8.21
C LYS B 155 -6.14 3.92 -8.44
N ALA B 156 -7.02 4.25 -9.39
CA ALA B 156 -7.41 5.64 -9.73
C ALA B 156 -8.12 6.31 -8.53
N ASP B 157 -8.59 5.52 -7.56
CA ASP B 157 -9.26 6.01 -6.32
C ASP B 157 -8.25 6.13 -5.16
N GLY B 158 -6.95 6.28 -5.46
CA GLY B 158 -5.88 6.52 -4.46
C GLY B 158 -5.44 5.24 -3.74
N SER B 159 -6.29 4.21 -3.76
CA SER B 159 -6.07 2.88 -3.15
C SER B 159 -4.81 2.23 -3.73
N CYS B 160 -4.11 1.48 -2.88
CA CYS B 160 -2.77 0.88 -3.13
C CYS B 160 -2.84 -0.53 -2.52
N SER B 161 -2.34 -1.57 -3.21
CA SER B 161 -2.24 -2.93 -2.62
C SER B 161 -0.94 -3.58 -3.07
N THR B 162 -0.23 -4.20 -2.13
CA THR B 162 0.99 -5.03 -2.37
C THR B 162 0.78 -6.42 -1.75
N ASP B 163 -0.46 -6.77 -1.44
CA ASP B 163 -0.79 -8.02 -0.70
C ASP B 163 -0.93 -9.16 -1.73
N PHE B 164 0.16 -9.49 -2.43
CA PHE B 164 0.14 -10.48 -3.54
C PHE B 164 1.21 -11.55 -3.35
N LYS B 165 1.79 -11.66 -2.14
CA LYS B 165 2.98 -12.53 -1.89
C LYS B 165 2.62 -14.01 -2.05
N THR B 166 1.38 -14.43 -1.86
CA THR B 166 0.93 -15.85 -2.05
C THR B 166 0.01 -15.98 -3.26
N THR B 167 0.03 -15.04 -4.20
CA THR B 167 -0.74 -15.14 -5.47
C THR B 167 0.07 -16.05 -6.39
N ARG B 168 -0.33 -17.30 -6.57
CA ARG B 168 0.56 -18.29 -7.23
C ARG B 168 -0.09 -18.96 -8.43
N SER B 169 -1.31 -19.46 -8.30
CA SER B 169 -1.94 -20.28 -9.33
C SER B 169 -2.33 -19.38 -10.51
N ARG B 170 -2.48 -19.99 -11.69
N ARG B 170 -2.48 -19.99 -11.69
CA ARG B 170 -2.96 -19.33 -12.93
CA ARG B 170 -2.94 -19.32 -12.93
C ARG B 170 -4.28 -18.62 -12.63
C ARG B 170 -4.28 -18.62 -12.64
N GLU B 171 -5.22 -19.32 -12.00
CA GLU B 171 -6.56 -18.78 -11.73
C GLU B 171 -6.48 -17.63 -10.70
N GLN B 172 -5.60 -17.70 -9.70
CA GLN B 172 -5.37 -16.60 -8.72
C GLN B 172 -4.86 -15.36 -9.45
N VAL B 173 -3.91 -15.54 -10.35
CA VAL B 173 -3.34 -14.40 -11.12
C VAL B 173 -4.45 -13.82 -12.01
N LEU B 174 -5.21 -14.67 -12.68
CA LEU B 174 -6.30 -14.24 -13.57
C LEU B 174 -7.29 -13.39 -12.77
N ARG B 175 -7.63 -13.82 -11.56
CA ARG B 175 -8.60 -13.05 -10.73
C ARG B 175 -8.04 -11.67 -10.40
N VAL B 176 -6.74 -11.51 -10.15
CA VAL B 176 -6.16 -10.18 -9.84
C VAL B 176 -6.33 -9.29 -11.08
N PHE B 177 -5.98 -9.79 -12.27
CA PHE B 177 -6.14 -8.99 -13.50
C PHE B 177 -7.62 -8.66 -13.75
N GLU B 178 -8.53 -9.61 -13.49
CA GLU B 178 -9.98 -9.39 -13.65
C GLU B 178 -10.37 -8.18 -12.80
N GLU B 179 -9.91 -8.13 -11.55
CA GLU B 179 -10.26 -7.04 -10.60
C GLU B 179 -9.65 -5.74 -11.14
N PHE B 180 -8.42 -5.80 -11.64
CA PHE B 180 -7.66 -4.60 -12.07
C PHE B 180 -8.36 -3.89 -13.23
N VAL B 181 -8.83 -4.64 -14.23
CA VAL B 181 -9.40 -4.04 -15.47
C VAL B 181 -10.89 -3.66 -15.27
N GLN B 182 -11.56 -4.23 -14.26
N GLN B 182 -11.55 -4.25 -14.28
CA GLN B 182 -12.95 -3.86 -13.89
CA GLN B 182 -12.96 -3.91 -13.88
C GLN B 182 -13.91 -3.98 -15.09
C GLN B 182 -13.91 -3.99 -15.08
N GLY B 183 -13.84 -5.08 -15.85
CA GLY B 183 -14.76 -5.39 -16.95
C GLY B 183 -14.57 -4.51 -18.19
N ASP B 184 -13.48 -3.75 -18.26
CA ASP B 184 -13.23 -2.81 -19.40
C ASP B 184 -12.63 -3.61 -20.56
N GLU B 185 -13.46 -4.04 -21.50
CA GLU B 185 -13.05 -4.94 -22.61
C GLU B 185 -12.04 -4.21 -23.50
N GLU B 186 -12.18 -2.89 -23.65
CA GLU B 186 -11.27 -2.09 -24.53
C GLU B 186 -9.88 -2.05 -23.91
N VAL B 187 -9.78 -1.81 -22.60
CA VAL B 187 -8.47 -1.78 -21.90
C VAL B 187 -7.83 -3.16 -22.06
N LEU B 188 -8.58 -4.23 -21.79
CA LEU B 188 -8.00 -5.60 -21.87
C LEU B 188 -7.50 -5.89 -23.29
N ARG B 189 -8.26 -5.50 -24.32
CA ARG B 189 -7.88 -5.71 -25.74
C ARG B 189 -6.57 -4.96 -26.00
N ARG B 190 -6.50 -3.72 -25.54
CA ARG B 190 -5.32 -2.83 -25.74
C ARG B 190 -4.10 -3.39 -25.00
N TYR B 191 -4.26 -3.86 -23.77
CA TYR B 191 -3.16 -4.56 -23.06
C TYR B 191 -2.68 -5.78 -23.89
N LEU B 192 -3.58 -6.63 -24.34
CA LEU B 192 -3.17 -7.86 -25.05
C LEU B 192 -2.44 -7.50 -26.36
N ASN B 193 -2.91 -6.46 -27.05
CA ASN B 193 -2.28 -6.05 -28.33
C ASN B 193 -0.87 -5.56 -28.00
N ARG B 194 -0.69 -4.77 -26.93
CA ARG B 194 0.63 -4.24 -26.55
C ARG B 194 1.54 -5.40 -26.13
N LEU B 195 1.07 -6.36 -25.33
CA LEU B 195 1.94 -7.49 -24.91
C LEU B 195 2.39 -8.31 -26.13
N GLN B 196 1.51 -8.55 -27.10
CA GLN B 196 1.86 -9.29 -28.34
C GLN B 196 2.98 -8.55 -29.08
N GLN B 197 2.83 -7.24 -29.22
CA GLN B 197 3.84 -6.37 -29.88
C GLN B 197 5.14 -6.34 -29.09
N ILE B 198 5.09 -6.24 -27.75
CA ILE B 198 6.31 -6.29 -26.91
C ILE B 198 6.99 -7.65 -27.11
N ARG B 199 6.22 -8.73 -27.14
CA ARG B 199 6.86 -10.06 -27.29
C ARG B 199 7.61 -10.12 -28.63
N ASP B 200 6.97 -9.67 -29.70
CA ASP B 200 7.57 -9.66 -31.07
C ASP B 200 8.86 -8.81 -31.02
N THR B 201 8.85 -7.67 -30.35
CA THR B 201 10.03 -6.78 -30.24
C THR B 201 11.15 -7.45 -29.43
N LEU B 202 10.86 -8.07 -28.30
CA LEU B 202 11.85 -8.80 -27.49
C LEU B 202 12.50 -9.91 -28.31
N GLU B 203 11.73 -10.62 -29.12
CA GLU B 203 12.24 -11.79 -29.87
C GLU B 203 13.23 -11.37 -30.96
N VAL B 204 13.23 -10.10 -31.37
CA VAL B 204 14.19 -9.58 -32.40
C VAL B 204 15.21 -8.60 -31.82
N SER B 205 15.08 -8.20 -30.55
CA SER B 205 15.94 -7.18 -29.91
C SER B 205 17.39 -7.67 -29.78
N GLU B 206 18.37 -6.89 -30.28
CA GLU B 206 19.82 -7.21 -30.13
C GLU B 206 20.18 -7.11 -28.65
N PHE B 207 19.61 -6.12 -27.96
CA PHE B 207 19.86 -5.90 -26.51
C PHE B 207 19.39 -7.14 -25.74
N PHE B 208 18.15 -7.54 -25.97
CA PHE B 208 17.52 -8.60 -25.16
C PHE B 208 18.27 -9.92 -25.33
N ARG B 209 18.72 -10.26 -26.53
CA ARG B 209 19.38 -11.58 -26.73
C ARG B 209 20.75 -11.62 -26.03
N ARG B 210 21.38 -10.47 -25.77
CA ARG B 210 22.76 -10.40 -25.20
C ARG B 210 22.76 -9.98 -23.74
N HIS B 211 21.59 -9.84 -23.09
CA HIS B 211 21.52 -9.36 -21.69
C HIS B 211 20.68 -10.31 -20.87
N GLU B 212 21.12 -10.51 -19.62
CA GLU B 212 20.36 -11.19 -18.56
C GLU B 212 19.48 -10.14 -17.88
N VAL B 213 18.17 -10.36 -17.84
CA VAL B 213 17.20 -9.34 -17.40
C VAL B 213 16.57 -9.82 -16.10
N ILE B 214 17.11 -9.37 -14.96
CA ILE B 214 16.69 -9.82 -13.60
C ILE B 214 16.10 -8.63 -12.86
N GLY B 215 14.96 -8.83 -12.21
CA GLY B 215 14.36 -7.85 -11.31
C GLY B 215 13.67 -6.71 -12.03
N SER B 216 13.43 -6.83 -13.35
CA SER B 216 12.70 -5.84 -14.16
C SER B 216 11.20 -6.09 -14.01
N SER B 217 10.40 -5.10 -14.33
CA SER B 217 8.93 -5.19 -14.28
C SER B 217 8.34 -4.83 -15.62
N LEU B 218 7.12 -5.33 -15.85
CA LEU B 218 6.17 -4.74 -16.82
C LEU B 218 5.22 -3.87 -16.01
N LEU B 219 5.06 -2.63 -16.45
CA LEU B 219 4.14 -1.65 -15.81
C LEU B 219 2.91 -1.48 -16.71
N PHE B 220 1.75 -1.93 -16.24
CA PHE B 220 0.43 -1.82 -16.88
C PHE B 220 -0.22 -0.54 -16.38
N VAL B 221 -0.59 0.34 -17.30
CA VAL B 221 -1.23 1.64 -16.93
C VAL B 221 -2.50 1.77 -17.77
N HIS B 222 -3.64 2.04 -17.14
CA HIS B 222 -4.89 2.33 -17.89
C HIS B 222 -5.70 3.39 -17.15
N ASP B 223 -6.71 3.93 -17.80
CA ASP B 223 -7.55 4.99 -17.20
C ASP B 223 -9.01 4.80 -17.61
N HIS B 224 -9.90 5.62 -17.05
CA HIS B 224 -11.37 5.52 -17.24
C HIS B 224 -11.74 5.91 -18.67
N CYS B 225 -10.84 6.57 -19.41
CA CYS B 225 -11.04 6.90 -20.85
C CYS B 225 -10.58 5.74 -21.76
N HIS B 226 -10.23 4.59 -21.19
CA HIS B 226 -9.87 3.34 -21.91
C HIS B 226 -8.46 3.44 -22.51
N ARG B 227 -7.69 4.47 -22.19
CA ARG B 227 -6.24 4.50 -22.55
C ARG B 227 -5.51 3.37 -21.80
N ALA B 228 -4.61 2.67 -22.47
CA ALA B 228 -3.90 1.50 -21.90
C ALA B 228 -2.50 1.46 -22.48
N GLY B 229 -1.51 1.27 -21.63
CA GLY B 229 -0.09 1.16 -21.99
C GLY B 229 0.62 0.12 -21.16
N VAL B 230 1.68 -0.45 -21.70
CA VAL B 230 2.56 -1.38 -20.95
C VAL B 230 4.00 -1.01 -21.32
N TRP B 231 4.87 -0.86 -20.35
CA TRP B 231 6.32 -0.63 -20.54
C TRP B 231 7.15 -1.58 -19.69
N LEU B 232 8.35 -1.90 -20.16
CA LEU B 232 9.41 -2.51 -19.33
C LEU B 232 10.06 -1.40 -18.53
N ILE B 233 10.21 -1.61 -17.22
CA ILE B 233 10.97 -0.69 -16.34
C ILE B 233 11.94 -1.49 -15.46
N ASP B 234 12.93 -0.77 -14.91
CA ASP B 234 13.90 -1.18 -13.85
C ASP B 234 14.98 -2.10 -14.41
N PHE B 235 16.08 -1.52 -14.85
CA PHE B 235 17.22 -2.23 -15.49
C PHE B 235 18.43 -2.24 -14.55
N GLY B 236 18.19 -2.08 -13.24
CA GLY B 236 19.26 -2.00 -12.23
C GLY B 236 20.00 -3.33 -12.09
N LYS B 237 19.38 -4.44 -12.51
CA LYS B 237 19.97 -5.80 -12.38
C LYS B 237 20.02 -6.48 -13.75
N THR B 238 20.04 -5.69 -14.83
CA THR B 238 20.15 -6.18 -16.21
C THR B 238 21.61 -6.01 -16.66
N THR B 239 22.28 -7.11 -16.99
CA THR B 239 23.75 -7.14 -17.20
C THR B 239 24.08 -7.88 -18.48
N PRO B 240 25.15 -7.46 -19.19
CA PRO B 240 25.53 -8.08 -20.45
C PRO B 240 26.16 -9.45 -20.20
N LEU B 241 26.00 -10.33 -21.18
CA LEU B 241 26.66 -11.66 -21.24
C LEU B 241 28.04 -11.49 -21.87
N PRO B 242 28.98 -12.42 -21.61
CA PRO B 242 30.28 -12.47 -22.29
C PRO B 242 30.16 -12.37 -23.82
N ASP B 243 31.19 -11.85 -24.46
CA ASP B 243 31.18 -11.55 -25.92
C ASP B 243 30.63 -12.77 -26.66
N GLY B 244 29.63 -12.55 -27.53
CA GLY B 244 29.09 -13.55 -28.47
C GLY B 244 28.12 -14.55 -27.86
N GLN B 245 27.96 -14.56 -26.52
N GLN B 245 27.96 -14.57 -26.53
CA GLN B 245 27.00 -15.47 -25.83
CA GLN B 245 27.00 -15.48 -25.84
C GLN B 245 25.62 -14.81 -25.82
C GLN B 245 25.62 -14.81 -25.86
N ILE B 246 24.55 -15.61 -25.95
CA ILE B 246 23.14 -15.12 -25.99
C ILE B 246 22.31 -15.99 -25.05
N LEU B 247 21.14 -15.48 -24.63
CA LEU B 247 20.10 -16.24 -23.89
C LEU B 247 18.89 -16.43 -24.81
N ASP B 248 18.11 -17.49 -24.58
CA ASP B 248 16.80 -17.69 -25.28
C ASP B 248 15.66 -17.21 -24.37
N HIS B 249 15.87 -17.09 -23.06
CA HIS B 249 14.93 -16.44 -22.13
C HIS B 249 13.65 -17.28 -22.00
N ARG B 250 13.67 -18.52 -22.50
CA ARG B 250 12.61 -19.53 -22.21
C ARG B 250 13.12 -20.72 -21.42
N ARG B 251 14.36 -21.17 -21.62
CA ARG B 251 14.75 -22.46 -21.03
C ARG B 251 14.93 -22.32 -19.52
N PRO B 252 14.84 -23.42 -18.75
CA PRO B 252 15.04 -23.38 -17.30
C PRO B 252 16.41 -22.82 -16.89
N TRP B 253 16.41 -22.05 -15.83
CA TRP B 253 17.66 -21.54 -15.23
C TRP B 253 18.37 -22.71 -14.54
N GLU B 254 19.64 -22.88 -14.86
CA GLU B 254 20.58 -23.80 -14.16
C GLU B 254 21.84 -22.98 -13.85
N GLU B 255 22.21 -22.88 -12.58
CA GLU B 255 23.33 -22.02 -12.13
C GLU B 255 24.49 -22.15 -13.13
N GLY B 256 24.90 -21.02 -13.72
CA GLY B 256 25.95 -20.96 -14.75
C GLY B 256 25.41 -20.52 -16.09
N ASN B 257 24.14 -20.80 -16.42
CA ASN B 257 23.60 -20.48 -17.78
C ASN B 257 22.99 -19.07 -17.82
N ARG B 258 22.80 -18.43 -16.66
CA ARG B 258 22.34 -17.02 -16.56
C ARG B 258 20.94 -16.83 -17.22
N GLU B 259 20.20 -17.92 -17.46
CA GLU B 259 18.82 -17.84 -18.03
C GLU B 259 17.85 -17.25 -17.00
N ASP B 260 16.89 -16.43 -17.46
CA ASP B 260 16.02 -15.62 -16.56
C ASP B 260 14.54 -16.03 -16.72
N GLY B 261 14.19 -16.86 -17.71
CA GLY B 261 12.79 -17.24 -17.95
C GLY B 261 11.88 -16.05 -18.26
N TYR B 262 12.44 -14.92 -18.70
CA TYR B 262 11.65 -13.68 -19.00
C TYR B 262 10.50 -14.01 -19.99
N LEU B 263 10.81 -14.66 -21.11
CA LEU B 263 9.80 -14.90 -22.17
C LEU B 263 8.84 -16.01 -21.75
N LEU B 264 9.26 -16.96 -20.93
CA LEU B 264 8.29 -17.92 -20.34
C LEU B 264 7.22 -17.11 -19.60
N GLY B 265 7.66 -16.12 -18.83
CA GLY B 265 6.77 -15.25 -18.05
C GLY B 265 5.81 -14.52 -18.96
N LEU B 266 6.34 -13.86 -19.99
CA LEU B 266 5.51 -13.06 -20.92
C LEU B 266 4.55 -13.99 -21.66
N ASP B 267 4.99 -15.17 -22.11
CA ASP B 267 4.09 -16.17 -22.73
C ASP B 267 2.91 -16.47 -21.77
N ASN B 268 3.20 -16.68 -20.49
CA ASN B 268 2.14 -17.11 -19.54
C ASN B 268 1.20 -15.94 -19.30
N LEU B 269 1.74 -14.74 -19.19
CA LEU B 269 0.96 -13.49 -18.95
C LEU B 269 0.00 -13.25 -20.12
N ILE B 270 0.49 -13.38 -21.35
CA ILE B 270 -0.33 -13.23 -22.57
C ILE B 270 -1.43 -14.29 -22.54
N GLY B 271 -1.10 -15.53 -22.14
CA GLY B 271 -2.06 -16.65 -22.10
C GLY B 271 -3.17 -16.38 -21.09
N ILE B 272 -2.80 -15.85 -19.94
CA ILE B 272 -3.76 -15.52 -18.84
C ILE B 272 -4.68 -14.38 -19.32
N LEU B 273 -4.14 -13.32 -19.88
CA LEU B 273 -4.98 -12.18 -20.34
C LEU B 273 -5.91 -12.61 -21.49
N ALA B 274 -5.44 -13.44 -22.41
CA ALA B 274 -6.24 -13.98 -23.53
C ALA B 274 -7.41 -14.81 -22.98
N SER B 275 -7.16 -15.61 -21.92
CA SER B 275 -8.17 -16.44 -21.23
C SER B 275 -9.23 -15.50 -20.65
N LEU B 276 -8.76 -14.47 -19.95
CA LEU B 276 -9.64 -13.48 -19.29
C LEU B 276 -10.53 -12.77 -20.34
N ALA B 277 -9.98 -12.44 -21.52
CA ALA B 277 -10.73 -11.74 -22.58
C ALA B 277 -11.92 -12.59 -23.06
N GLU B 278 -11.86 -13.92 -22.92
CA GLU B 278 -12.87 -14.87 -23.47
C GLU B 278 -13.92 -15.25 -22.41
N ARG B 279 -13.82 -14.76 -21.18
CA ARG B 279 -14.66 -15.23 -20.03
C ARG B 279 -16.02 -14.51 -20.03
#